data_3FT3
#
_entry.id   3FT3
#
_cell.length_a   51.470
_cell.length_b   79.750
_cell.length_c   54.210
_cell.angle_alpha   90.00
_cell.angle_beta   111.02
_cell.angle_gamma   90.00
#
_symmetry.space_group_name_H-M   'P 1 21 1'
#
loop_
_entity.id
_entity.type
_entity.pdbx_description
1 polymer 'HLA class I histocompatibility antigen, A-2 alpha chain'
2 polymer Beta-2-microglobulin
3 polymer 'histidine variant HA-1 peptide'
4 water water
#
loop_
_entity_poly.entity_id
_entity_poly.type
_entity_poly.pdbx_seq_one_letter_code
_entity_poly.pdbx_strand_id
1 'polypeptide(L)'
;GSHSMRYFFTSVSRPGRGEPRFIAVGYVDDTQFVRFDSDAASQRMEPRAPWIEQEGPEYWDGETRKVKAHSQTHRVDLGT
LRGYYNQSEAGSHTVQRMYGCDVGSDWRFLRGYHQYAYDGKDYIALKEDLRSWTAADMAAQTTKHKWEAAHVAEQLRAYL
EGTCVEWLRRYLENGKETLQRTDAPKTHMTHHAVSDHEATLRCWALSFYPAEITLTWQRDGEDQTQDTELVETRPAGDGT
FQKWVAVVVPSGQEQRYTCHVQHEGLPKPLTLRWE
;
A
2 'polypeptide(L)'
;MIQRTPKIQVYSRHPAENGKSNFLNCYVSGFHPSDIEVDLLKNGERIEKVEHSDLSFSKDWSFYLLYYTEFTPTEKDEYA
CRVNHVTLSQPKIVKWDRDM
;
B
3 'polypeptide(L)' VLHDDLLEA P
#
# COMPACT_ATOMS: atom_id res chain seq x y z
N GLY A 1 6.02 20.12 -6.48
CA GLY A 1 5.76 19.04 -5.47
C GLY A 1 6.88 18.04 -5.57
N SER A 2 7.12 17.28 -4.50
CA SER A 2 8.13 16.25 -4.54
C SER A 2 7.54 14.95 -5.08
N HIS A 3 8.41 14.11 -5.62
CA HIS A 3 7.97 12.81 -6.09
C HIS A 3 8.89 11.74 -5.58
N SER A 4 8.35 10.53 -5.44
N SER A 4 8.36 10.53 -5.47
CA SER A 4 9.17 9.43 -4.96
CA SER A 4 9.12 9.42 -4.93
C SER A 4 9.12 8.25 -5.90
C SER A 4 9.10 8.22 -5.86
N MET A 5 10.18 7.46 -5.88
CA MET A 5 10.18 6.16 -6.52
C MET A 5 10.55 5.14 -5.46
N ARG A 6 9.71 4.14 -5.25
CA ARG A 6 9.99 3.16 -4.21
C ARG A 6 9.85 1.74 -4.70
N TYR A 7 10.73 0.88 -4.23
CA TYR A 7 10.65 -0.55 -4.54
C TYR A 7 10.48 -1.27 -3.23
N PHE A 8 9.49 -2.17 -3.17
CA PHE A 8 9.15 -2.94 -1.96
C PHE A 8 9.35 -4.43 -2.27
N PHE A 9 10.07 -5.13 -1.39
CA PHE A 9 10.43 -6.52 -1.61
C PHE A 9 10.04 -7.34 -0.39
N THR A 10 9.37 -8.46 -0.60
CA THR A 10 9.01 -9.36 0.48
C THR A 10 9.44 -10.76 0.10
N SER A 11 10.21 -11.41 0.97
N SER A 11 10.24 -11.40 0.95
CA SER A 11 10.56 -12.81 0.78
CA SER A 11 10.52 -12.81 0.76
C SER A 11 10.12 -13.65 1.96
C SER A 11 10.02 -13.60 1.95
N VAL A 12 9.47 -14.77 1.68
CA VAL A 12 8.90 -15.60 2.74
C VAL A 12 9.39 -17.00 2.59
N SER A 13 10.19 -17.46 3.54
CA SER A 13 10.77 -18.79 3.47
C SER A 13 9.66 -19.85 3.54
N ARG A 14 9.88 -20.95 2.83
CA ARG A 14 8.94 -22.07 2.81
C ARG A 14 9.77 -23.30 3.09
N PRO A 15 10.24 -23.46 4.33
CA PRO A 15 11.25 -24.48 4.59
C PRO A 15 10.78 -25.88 4.12
N GLY A 16 9.50 -26.19 4.30
CA GLY A 16 8.97 -27.44 3.80
C GLY A 16 9.72 -27.90 2.55
N ARG A 17 9.59 -27.12 1.48
CA ARG A 17 10.22 -27.44 0.22
C ARG A 17 10.36 -26.19 -0.68
N GLY A 18 11.54 -26.03 -1.30
CA GLY A 18 11.74 -24.99 -2.32
C GLY A 18 12.26 -23.65 -1.82
N GLU A 19 12.42 -22.70 -2.72
CA GLU A 19 12.92 -21.36 -2.37
C GLU A 19 11.79 -20.51 -1.80
N PRO A 20 12.14 -19.39 -1.17
CA PRO A 20 11.16 -18.44 -0.65
C PRO A 20 10.18 -17.92 -1.74
N ARG A 21 8.94 -17.66 -1.33
CA ARG A 21 7.99 -16.86 -2.10
C ARG A 21 8.55 -15.45 -2.16
N PHE A 22 8.77 -14.91 -3.35
CA PHE A 22 9.35 -13.57 -3.45
C PHE A 22 8.48 -12.68 -4.32
N ILE A 23 8.17 -11.50 -3.81
CA ILE A 23 7.28 -10.55 -4.48
C ILE A 23 7.90 -9.17 -4.41
N ALA A 24 8.10 -8.55 -5.57
CA ALA A 24 8.66 -7.21 -5.67
C ALA A 24 7.67 -6.32 -6.39
N VAL A 25 7.40 -5.14 -5.84
CA VAL A 25 6.56 -4.16 -6.51
C VAL A 25 7.28 -2.82 -6.57
N GLY A 26 7.14 -2.12 -7.68
CA GLY A 26 7.72 -0.77 -7.79
C GLY A 26 6.63 0.28 -7.87
N TYR A 27 6.83 1.42 -7.18
CA TYR A 27 5.89 2.53 -7.19
C TYR A 27 6.58 3.84 -7.57
N VAL A 28 5.85 4.69 -8.31
CA VAL A 28 6.13 6.13 -8.36
C VAL A 28 4.99 6.78 -7.59
N ASP A 29 5.32 7.50 -6.51
CA ASP A 29 4.32 8.02 -5.57
C ASP A 29 3.30 6.92 -5.18
N ASP A 30 2.01 7.13 -5.46
CA ASP A 30 1.02 6.13 -5.07
C ASP A 30 0.61 5.23 -6.21
N THR A 31 1.41 5.22 -7.27
CA THR A 31 1.10 4.41 -8.45
C THR A 31 2.09 3.25 -8.64
N GLN A 32 1.57 2.03 -8.58
CA GLN A 32 2.40 0.87 -8.89
C GLN A 32 2.71 0.86 -10.38
N PHE A 33 3.94 0.54 -10.77
CA PHE A 33 4.27 0.49 -12.20
C PHE A 33 4.96 -0.80 -12.64
N VAL A 34 5.55 -1.56 -11.72
CA VAL A 34 6.11 -2.87 -12.09
C VAL A 34 5.92 -3.88 -10.96
N ARG A 35 5.94 -5.17 -11.32
N ARG A 35 5.98 -5.16 -11.31
CA ARG A 35 5.88 -6.25 -10.33
CA ARG A 35 5.98 -6.20 -10.30
C ARG A 35 6.70 -7.47 -10.73
C ARG A 35 6.80 -7.41 -10.73
N PHE A 36 7.25 -8.17 -9.74
CA PHE A 36 7.79 -9.51 -9.97
C PHE A 36 7.21 -10.42 -8.91
N ASP A 37 6.77 -11.60 -9.33
CA ASP A 37 6.30 -12.63 -8.41
C ASP A 37 6.98 -13.94 -8.78
N SER A 38 7.71 -14.52 -7.83
CA SER A 38 8.42 -15.79 -8.07
C SER A 38 7.48 -16.94 -8.43
N ASP A 39 6.23 -16.84 -8.00
CA ASP A 39 5.26 -17.90 -8.31
C ASP A 39 4.58 -17.74 -9.67
N ALA A 40 4.76 -16.58 -10.30
CA ALA A 40 4.16 -16.35 -11.62
C ALA A 40 4.90 -17.11 -12.71
N ALA A 41 4.21 -17.40 -13.81
CA ALA A 41 4.79 -18.20 -14.89
C ALA A 41 5.89 -17.52 -15.72
N SER A 42 5.78 -16.21 -15.89
CA SER A 42 6.70 -15.46 -16.76
C SER A 42 8.13 -15.46 -16.25
N GLN A 43 8.27 -15.48 -14.92
CA GLN A 43 9.59 -15.29 -14.34
C GLN A 43 10.24 -14.03 -14.91
N ARG A 44 9.41 -13.03 -15.21
CA ARG A 44 9.89 -11.72 -15.69
C ARG A 44 9.31 -10.61 -14.83
N MET A 45 10.06 -9.52 -14.69
CA MET A 45 9.48 -8.26 -14.28
C MET A 45 8.38 -7.87 -15.29
N GLU A 46 7.19 -7.55 -14.78
N GLU A 46 7.20 -7.52 -14.78
CA GLU A 46 6.03 -7.21 -15.61
CA GLU A 46 6.04 -7.21 -15.61
C GLU A 46 5.55 -5.78 -15.38
C GLU A 46 5.54 -5.78 -15.37
N PRO A 47 5.13 -5.08 -16.45
CA PRO A 47 4.53 -3.73 -16.33
C PRO A 47 3.19 -3.73 -15.62
N ARG A 48 2.89 -2.65 -14.89
N ARG A 48 2.90 -2.65 -14.89
CA ARG A 48 1.59 -2.54 -14.25
CA ARG A 48 1.63 -2.51 -14.19
C ARG A 48 1.03 -1.13 -14.43
C ARG A 48 1.00 -1.15 -14.47
N ALA A 49 1.67 -0.37 -15.30
CA ALA A 49 1.18 0.95 -15.68
C ALA A 49 1.44 1.15 -17.18
N PRO A 50 0.45 1.70 -17.89
CA PRO A 50 0.59 1.94 -19.31
C PRO A 50 1.90 2.65 -19.67
N TRP A 51 2.29 3.65 -18.89
CA TRP A 51 3.43 4.47 -19.28
C TRP A 51 4.78 3.75 -19.23
N ILE A 52 4.87 2.66 -18.47
CA ILE A 52 6.12 1.89 -18.43
C ILE A 52 6.23 0.92 -19.61
N GLU A 53 5.13 0.66 -20.30
CA GLU A 53 5.18 -0.18 -21.49
C GLU A 53 5.88 0.49 -22.67
N GLN A 54 6.09 1.79 -22.56
CA GLN A 54 6.92 2.53 -23.52
C GLN A 54 8.34 1.96 -23.56
N GLU A 55 8.82 1.44 -22.43
CA GLU A 55 10.17 0.90 -22.36
C GLU A 55 10.25 -0.40 -23.17
N GLY A 56 11.33 -0.54 -23.93
CA GLY A 56 11.51 -1.71 -24.79
C GLY A 56 12.06 -2.94 -24.11
N PRO A 57 12.35 -3.99 -24.92
CA PRO A 57 12.81 -5.29 -24.45
C PRO A 57 13.98 -5.21 -23.48
N GLU A 58 14.94 -4.35 -23.77
CA GLU A 58 16.15 -4.26 -22.95
C GLU A 58 15.86 -3.78 -21.53
N TYR A 59 14.83 -2.95 -21.37
CA TYR A 59 14.46 -2.50 -20.03
C TYR A 59 14.04 -3.71 -19.20
N TRP A 60 13.13 -4.50 -19.75
CA TRP A 60 12.61 -5.69 -19.07
C TRP A 60 13.66 -6.76 -18.81
N ASP A 61 14.53 -6.99 -19.78
N ASP A 61 14.54 -6.98 -19.77
CA ASP A 61 15.65 -7.93 -19.62
CA ASP A 61 15.65 -7.91 -19.64
C ASP A 61 16.52 -7.51 -18.44
C ASP A 61 16.53 -7.51 -18.45
N GLY A 62 16.78 -6.22 -18.34
CA GLY A 62 17.63 -5.70 -17.27
C GLY A 62 17.01 -5.78 -15.91
N GLU A 63 15.73 -5.43 -15.81
CA GLU A 63 15.05 -5.43 -14.51
C GLU A 63 14.80 -6.84 -14.02
N THR A 64 14.60 -7.76 -14.95
CA THR A 64 14.44 -9.17 -14.60
C THR A 64 15.76 -9.71 -14.05
N ARG A 65 16.87 -9.39 -14.70
CA ARG A 65 18.15 -9.86 -14.21
C ARG A 65 18.35 -9.41 -12.76
N LYS A 66 18.15 -8.12 -12.52
CA LYS A 66 18.34 -7.52 -11.20
C LYS A 66 17.33 -8.02 -10.17
N VAL A 67 16.07 -8.16 -10.54
CA VAL A 67 15.05 -8.58 -9.56
C VAL A 67 15.25 -10.06 -9.16
N LYS A 68 15.78 -10.86 -10.09
CA LYS A 68 16.09 -12.24 -9.76
C LYS A 68 17.28 -12.31 -8.82
N ALA A 69 18.27 -11.46 -9.07
CA ALA A 69 19.43 -11.37 -8.20
C ALA A 69 19.01 -10.89 -6.80
N HIS A 70 18.12 -9.90 -6.74
CA HIS A 70 17.53 -9.49 -5.47
C HIS A 70 16.89 -10.69 -4.75
N SER A 71 16.15 -11.53 -5.48
CA SER A 71 15.48 -12.67 -4.84
C SER A 71 16.47 -13.63 -4.22
N GLN A 72 17.61 -13.85 -4.90
CA GLN A 72 18.64 -14.71 -4.34
C GLN A 72 19.26 -14.10 -3.08
N THR A 73 19.46 -12.78 -3.07
CA THR A 73 19.99 -12.12 -1.88
C THR A 73 19.11 -12.35 -0.65
N HIS A 74 17.80 -12.15 -0.83
N HIS A 74 17.82 -12.11 -0.81
CA HIS A 74 16.83 -12.34 0.26
CA HIS A 74 16.86 -12.34 0.28
C HIS A 74 16.65 -13.79 0.68
C HIS A 74 16.86 -13.80 0.71
N ARG A 75 16.88 -14.72 -0.24
CA ARG A 75 16.96 -16.14 0.11
C ARG A 75 18.15 -16.42 1.03
N VAL A 76 19.34 -16.00 0.60
CA VAL A 76 20.51 -16.18 1.43
C VAL A 76 20.25 -15.57 2.80
N ASP A 77 19.71 -14.35 2.80
CA ASP A 77 19.51 -13.58 4.03
C ASP A 77 18.58 -14.33 4.96
N LEU A 78 17.51 -14.90 4.44
CA LEU A 78 16.65 -15.72 5.29
C LEU A 78 17.42 -16.84 5.98
N GLY A 79 18.40 -17.42 5.30
CA GLY A 79 19.22 -18.46 5.89
C GLY A 79 20.09 -17.91 7.00
N THR A 80 20.76 -16.80 6.69
CA THR A 80 21.69 -16.16 7.61
C THR A 80 21.02 -15.69 8.92
N LEU A 81 19.90 -15.00 8.79
CA LEU A 81 19.17 -14.47 9.94
C LEU A 81 18.59 -15.57 10.80
N ARG A 82 18.15 -16.66 10.19
CA ARG A 82 17.74 -17.83 10.96
C ARG A 82 18.88 -18.24 11.90
N GLY A 83 20.08 -18.33 11.34
CA GLY A 83 21.27 -18.59 12.13
C GLY A 83 21.52 -17.58 13.22
N TYR A 84 21.42 -16.29 12.92
CA TYR A 84 21.67 -15.26 13.94
C TYR A 84 20.69 -15.35 15.11
N TYR A 85 19.40 -15.55 14.78
CA TYR A 85 18.34 -15.62 15.78
C TYR A 85 18.09 -17.03 16.33
N ASN A 86 18.95 -17.99 15.99
CA ASN A 86 18.83 -19.35 16.52
C ASN A 86 17.44 -19.94 16.36
N GLN A 87 16.92 -19.91 15.14
CA GLN A 87 15.56 -20.37 14.93
C GLN A 87 15.55 -21.74 14.28
N SER A 88 14.43 -22.43 14.41
CA SER A 88 14.26 -23.76 13.85
C SER A 88 14.24 -23.72 12.32
N GLU A 89 14.69 -24.80 11.70
CA GLU A 89 14.66 -24.92 10.24
C GLU A 89 13.23 -25.16 9.76
N ALA A 90 12.33 -25.31 10.73
CA ALA A 90 10.94 -25.71 10.47
C ALA A 90 10.00 -24.56 10.08
N GLY A 91 10.12 -23.43 10.76
CA GLY A 91 9.17 -22.33 10.59
C GLY A 91 9.43 -21.40 9.43
N SER A 92 8.36 -20.75 8.99
CA SER A 92 8.41 -19.76 7.92
C SER A 92 8.80 -18.38 8.50
N HIS A 93 9.75 -17.71 7.85
CA HIS A 93 10.14 -16.35 8.27
C HIS A 93 10.09 -15.38 7.10
N THR A 94 10.15 -14.07 7.42
CA THR A 94 9.99 -13.05 6.38
C THR A 94 11.09 -12.00 6.38
N VAL A 95 11.64 -11.69 5.21
N VAL A 95 11.61 -11.70 5.19
CA VAL A 95 12.46 -10.47 5.06
CA VAL A 95 12.44 -10.51 4.99
C VAL A 95 11.79 -9.46 4.13
C VAL A 95 11.66 -9.47 4.17
N GLN A 96 11.74 -8.20 4.57
CA GLN A 96 11.12 -7.12 3.79
C GLN A 96 12.17 -6.05 3.58
N ARG A 97 12.19 -5.48 2.39
CA ARG A 97 13.14 -4.41 2.06
C ARG A 97 12.39 -3.34 1.30
N MET A 98 12.66 -2.06 1.60
N MET A 98 12.69 -2.09 1.63
CA MET A 98 12.14 -0.98 0.79
CA MET A 98 12.19 -0.95 0.88
C MET A 98 13.21 0.07 0.55
C MET A 98 13.40 -0.11 0.50
N TYR A 99 13.39 0.44 -0.71
CA TYR A 99 14.39 1.47 -1.04
C TYR A 99 13.92 2.36 -2.14
N GLY A 100 14.52 3.54 -2.24
CA GLY A 100 14.13 4.47 -3.28
C GLY A 100 14.54 5.89 -2.98
N CYS A 101 14.06 6.81 -3.80
CA CYS A 101 14.59 8.15 -3.77
C CYS A 101 13.45 9.10 -4.05
N ASP A 102 13.57 10.31 -3.53
CA ASP A 102 12.65 11.41 -3.82
C ASP A 102 13.37 12.47 -4.65
N VAL A 103 12.65 13.13 -5.55
CA VAL A 103 13.13 14.39 -6.11
C VAL A 103 12.26 15.50 -5.55
N GLY A 104 12.80 16.70 -5.45
CA GLY A 104 12.02 17.85 -5.00
C GLY A 104 11.26 18.55 -6.13
N SER A 105 10.64 19.68 -5.82
CA SER A 105 9.94 20.46 -6.84
C SER A 105 10.91 21.01 -7.88
N ASP A 106 12.20 20.96 -7.57
CA ASP A 106 13.20 21.41 -8.50
C ASP A 106 13.68 20.26 -9.38
N TRP A 107 13.06 19.11 -9.23
CA TRP A 107 13.41 17.91 -9.98
C TRP A 107 14.83 17.42 -9.68
N ARG A 108 15.39 17.83 -8.55
CA ARG A 108 16.70 17.38 -8.15
C ARG A 108 16.57 16.39 -6.99
N PHE A 109 17.56 15.53 -6.82
CA PHE A 109 17.62 14.64 -5.67
C PHE A 109 17.22 15.36 -4.39
N LEU A 110 16.36 14.72 -3.60
CA LEU A 110 15.98 15.30 -2.33
C LEU A 110 16.34 14.39 -1.15
N ARG A 111 16.00 13.11 -1.25
CA ARG A 111 16.13 12.16 -0.14
C ARG A 111 16.31 10.76 -0.71
N GLY A 112 16.96 9.89 0.07
CA GLY A 112 17.16 8.49 -0.29
C GLY A 112 16.81 7.61 0.88
N TYR A 113 16.38 6.38 0.59
CA TYR A 113 15.93 5.44 1.63
C TYR A 113 16.43 4.03 1.31
N HIS A 114 16.84 3.30 2.34
CA HIS A 114 17.03 1.86 2.24
C HIS A 114 16.78 1.24 3.61
N GLN A 115 15.65 0.56 3.77
CA GLN A 115 15.34 -0.05 5.05
C GLN A 115 15.06 -1.55 4.92
N TYR A 116 15.38 -2.28 5.98
N TYR A 116 15.39 -2.27 5.98
CA TYR A 116 15.36 -3.74 5.96
CA TYR A 116 15.34 -3.72 5.97
C TYR A 116 14.76 -4.26 7.26
C TYR A 116 14.65 -4.16 7.26
N ALA A 117 13.84 -5.21 7.15
CA ALA A 117 13.13 -5.76 8.31
C ALA A 117 13.19 -7.29 8.29
N TYR A 118 13.25 -7.91 9.47
CA TYR A 118 13.12 -9.36 9.57
C TYR A 118 11.94 -9.67 10.48
N ASP A 119 11.05 -10.54 10.00
CA ASP A 119 9.87 -10.93 10.78
C ASP A 119 9.00 -9.74 11.25
N GLY A 120 8.93 -8.70 10.42
CA GLY A 120 8.00 -7.58 10.64
C GLY A 120 8.55 -6.51 11.56
N LYS A 121 9.83 -6.58 11.89
CA LYS A 121 10.44 -5.65 12.83
C LYS A 121 11.66 -5.01 12.17
N ASP A 122 11.94 -3.73 12.44
CA ASP A 122 13.18 -3.10 11.93
C ASP A 122 14.36 -4.02 12.15
N TYR A 123 15.27 -4.06 11.17
CA TYR A 123 16.49 -4.82 11.31
C TYR A 123 17.67 -3.87 11.06
N ILE A 124 17.76 -3.34 9.85
CA ILE A 124 18.80 -2.34 9.57
C ILE A 124 18.27 -1.34 8.57
N ALA A 125 18.70 -0.09 8.70
CA ALA A 125 18.27 0.98 7.80
C ALA A 125 19.39 1.94 7.53
N LEU A 126 19.41 2.48 6.31
CA LEU A 126 20.41 3.49 5.95
C LEU A 126 19.95 4.80 6.58
N LYS A 127 20.87 5.56 7.14
CA LYS A 127 20.48 6.83 7.75
C LYS A 127 20.25 7.90 6.68
N GLU A 128 19.71 9.05 7.09
CA GLU A 128 19.35 10.11 6.13
C GLU A 128 20.55 10.65 5.35
N ASP A 129 21.71 10.72 5.99
CA ASP A 129 22.93 11.19 5.32
C ASP A 129 23.46 10.22 4.27
N LEU A 130 22.86 9.03 4.21
CA LEU A 130 23.22 7.99 3.24
C LEU A 130 24.65 7.52 3.40
N ARG A 131 25.18 7.72 4.61
CA ARG A 131 26.58 7.43 4.88
C ARG A 131 26.80 6.44 6.02
N SER A 132 25.74 6.15 6.78
CA SER A 132 25.86 5.23 7.92
C SER A 132 24.57 4.44 8.16
N TRP A 133 24.60 3.51 9.10
CA TRP A 133 23.50 2.58 9.30
C TRP A 133 22.92 2.61 10.71
N THR A 134 21.62 2.30 10.82
CA THR A 134 20.99 2.10 12.11
C THR A 134 20.68 0.62 12.28
N ALA A 135 21.27 -0.02 13.29
CA ALA A 135 20.99 -1.43 13.59
C ALA A 135 20.06 -1.51 14.79
N ALA A 136 18.99 -2.30 14.66
CA ALA A 136 17.96 -2.36 15.70
C ALA A 136 18.31 -3.26 16.88
N ASP A 137 19.20 -4.22 16.66
CA ASP A 137 19.61 -5.16 17.70
C ASP A 137 21.02 -5.70 17.43
N MET A 138 21.50 -6.62 18.26
CA MET A 138 22.88 -7.10 18.14
C MET A 138 23.15 -7.94 16.89
N ALA A 139 22.15 -8.68 16.43
CA ALA A 139 22.27 -9.39 15.16
C ALA A 139 22.52 -8.40 14.01
N ALA A 140 21.78 -7.31 14.01
CA ALA A 140 21.93 -6.28 12.97
C ALA A 140 23.32 -5.62 12.98
N GLN A 141 23.97 -5.58 14.15
CA GLN A 141 25.34 -5.06 14.29
C GLN A 141 26.33 -5.85 13.44
N THR A 142 26.06 -7.14 13.27
CA THR A 142 26.88 -7.97 12.41
C THR A 142 26.75 -7.51 10.96
N THR A 143 25.51 -7.32 10.53
CA THR A 143 25.25 -6.86 9.16
C THR A 143 25.85 -5.48 8.95
N LYS A 144 25.71 -4.61 9.95
CA LYS A 144 26.20 -3.25 9.85
C LYS A 144 27.70 -3.24 9.58
N HIS A 145 28.42 -4.05 10.35
CA HIS A 145 29.86 -4.11 10.21
C HIS A 145 30.24 -4.64 8.83
N LYS A 146 29.55 -5.68 8.39
CA LYS A 146 29.85 -6.24 7.08
C LYS A 146 29.62 -5.21 5.98
N TRP A 147 28.55 -4.42 6.09
CA TRP A 147 28.21 -3.45 5.03
C TRP A 147 29.12 -2.25 5.05
N GLU A 148 29.62 -1.93 6.23
CA GLU A 148 30.57 -0.85 6.41
C GLU A 148 31.91 -1.20 5.80
N ALA A 149 32.34 -2.44 6.04
CA ALA A 149 33.61 -2.96 5.50
C ALA A 149 33.57 -3.06 3.99
N ALA A 150 32.38 -3.30 3.46
CA ALA A 150 32.21 -3.50 2.04
C ALA A 150 31.74 -2.23 1.32
N HIS A 151 31.64 -1.11 2.05
CA HIS A 151 31.22 0.18 1.48
C HIS A 151 29.90 0.14 0.73
N VAL A 152 28.94 -0.56 1.32
CA VAL A 152 27.62 -0.67 0.75
C VAL A 152 26.97 0.71 0.65
N ALA A 153 27.09 1.50 1.71
CA ALA A 153 26.48 2.85 1.76
C ALA A 153 26.87 3.72 0.57
N GLU A 154 28.16 3.74 0.27
CA GLU A 154 28.69 4.48 -0.87
C GLU A 154 28.05 4.01 -2.17
N GLN A 155 28.00 2.70 -2.37
CA GLN A 155 27.39 2.15 -3.57
C GLN A 155 25.92 2.56 -3.65
N LEU A 156 25.22 2.46 -2.52
N LEU A 156 25.24 2.48 -2.51
CA LEU A 156 23.79 2.80 -2.51
CA LEU A 156 23.81 2.78 -2.48
C LEU A 156 23.61 4.29 -2.74
C LEU A 156 23.59 4.28 -2.69
N ARG A 157 24.45 5.10 -2.10
CA ARG A 157 24.33 6.54 -2.23
C ARG A 157 24.53 6.96 -3.69
N ALA A 158 25.51 6.37 -4.36
CA ALA A 158 25.69 6.68 -5.77
C ALA A 158 24.43 6.36 -6.58
N TYR A 159 23.82 5.21 -6.30
CA TYR A 159 22.57 4.84 -6.99
C TYR A 159 21.45 5.85 -6.68
N LEU A 160 21.23 6.11 -5.41
CA LEU A 160 20.08 6.94 -4.99
C LEU A 160 20.17 8.37 -5.50
N GLU A 161 21.37 8.95 -5.46
CA GLU A 161 21.56 10.32 -5.88
C GLU A 161 21.70 10.43 -7.40
N GLY A 162 21.87 9.30 -8.06
CA GLY A 162 22.16 9.31 -9.49
C GLY A 162 21.15 8.54 -10.29
N THR A 163 21.51 7.32 -10.62
CA THR A 163 20.65 6.42 -11.37
C THR A 163 19.18 6.51 -10.93
N CYS A 164 18.93 6.38 -9.63
CA CYS A 164 17.56 6.41 -9.12
C CYS A 164 16.79 7.66 -9.52
N VAL A 165 17.43 8.82 -9.31
N VAL A 165 17.39 8.83 -9.33
CA VAL A 165 16.84 10.11 -9.65
CA VAL A 165 16.67 10.05 -9.66
C VAL A 165 16.59 10.23 -11.15
C VAL A 165 16.58 10.31 -11.18
N GLU A 166 17.61 9.91 -11.93
CA GLU A 166 17.54 10.00 -13.38
C GLU A 166 16.36 9.23 -13.97
N TRP A 167 16.16 8.00 -13.52
CA TRP A 167 15.03 7.21 -13.99
C TRP A 167 13.73 7.74 -13.42
N LEU A 168 13.73 8.20 -12.18
CA LEU A 168 12.50 8.80 -11.65
C LEU A 168 12.06 9.95 -12.56
N ARG A 169 13.00 10.78 -12.98
CA ARG A 169 12.69 11.90 -13.86
C ARG A 169 12.10 11.41 -15.18
N ARG A 170 12.68 10.34 -15.70
CA ARG A 170 12.24 9.76 -16.96
C ARG A 170 10.83 9.28 -16.80
N TYR A 171 10.58 8.53 -15.73
CA TYR A 171 9.24 8.01 -15.46
C TYR A 171 8.21 9.14 -15.34
N LEU A 172 8.57 10.21 -14.63
CA LEU A 172 7.65 11.32 -14.43
C LEU A 172 7.27 11.97 -15.75
N GLU A 173 8.25 12.10 -16.65
CA GLU A 173 8.01 12.67 -17.97
C GLU A 173 7.16 11.74 -18.83
N ASN A 174 7.52 10.47 -18.91
CA ASN A 174 6.76 9.52 -19.74
C ASN A 174 5.33 9.33 -19.26
N GLY A 175 5.13 9.30 -17.94
CA GLY A 175 3.80 9.07 -17.39
C GLY A 175 3.13 10.34 -16.89
N LYS A 176 3.49 11.48 -17.49
CA LYS A 176 3.02 12.77 -16.97
C LYS A 176 1.49 12.92 -16.93
N GLU A 177 0.79 12.33 -17.90
CA GLU A 177 -0.67 12.43 -17.95
C GLU A 177 -1.31 11.95 -16.66
N THR A 178 -0.69 10.97 -16.02
CA THR A 178 -1.25 10.42 -14.79
C THR A 178 -0.38 10.68 -13.56
N LEU A 179 0.92 10.45 -13.68
CA LEU A 179 1.82 10.62 -12.55
C LEU A 179 1.84 12.06 -12.01
N GLN A 180 1.67 13.03 -12.88
CA GLN A 180 1.83 14.41 -12.46
C GLN A 180 0.51 15.13 -12.34
N ARG A 181 -0.58 14.38 -12.49
CA ARG A 181 -1.92 14.92 -12.38
C ARG A 181 -2.38 14.78 -10.93
N THR A 182 -2.98 15.82 -10.38
CA THR A 182 -3.61 15.70 -9.07
C THR A 182 -5.10 15.62 -9.31
N ASP A 183 -5.73 14.60 -8.72
CA ASP A 183 -7.17 14.46 -8.79
C ASP A 183 -7.73 14.92 -7.43
N ALA A 184 -8.39 16.08 -7.42
CA ALA A 184 -9.01 16.62 -6.22
C ALA A 184 -10.16 15.72 -5.82
N PRO A 185 -10.40 15.57 -4.51
CA PRO A 185 -11.52 14.72 -4.15
C PRO A 185 -12.88 15.20 -4.63
N LYS A 186 -13.69 14.25 -5.06
N LYS A 186 -13.72 14.26 -5.01
CA LYS A 186 -15.09 14.50 -5.33
CA LYS A 186 -15.08 14.57 -5.36
C LYS A 186 -15.77 14.30 -3.99
C LYS A 186 -15.88 14.30 -4.08
N THR A 187 -16.30 15.38 -3.42
CA THR A 187 -16.87 15.30 -2.09
C THR A 187 -18.40 15.34 -2.09
N HIS A 188 -18.99 14.66 -1.11
CA HIS A 188 -20.41 14.83 -0.81
C HIS A 188 -20.72 14.38 0.60
N MET A 189 -21.92 14.71 1.06
CA MET A 189 -22.34 14.33 2.39
C MET A 189 -23.58 13.46 2.32
N THR A 190 -23.64 12.45 3.17
CA THR A 190 -24.89 11.72 3.35
C THR A 190 -25.42 11.88 4.76
N HIS A 191 -26.71 11.60 4.93
CA HIS A 191 -27.43 11.83 6.18
C HIS A 191 -28.25 10.57 6.45
N HIS A 192 -28.12 9.99 7.64
CA HIS A 192 -28.87 8.79 8.02
C HIS A 192 -29.46 8.94 9.42
N ALA A 193 -30.79 8.94 9.53
CA ALA A 193 -31.42 8.99 10.85
C ALA A 193 -31.13 7.73 11.65
N VAL A 194 -30.61 7.88 12.86
CA VAL A 194 -30.38 6.71 13.72
C VAL A 194 -31.48 6.56 14.78
N SER A 195 -32.31 7.60 14.90
CA SER A 195 -33.52 7.59 15.75
C SER A 195 -34.34 8.79 15.31
N ASP A 196 -35.40 9.09 16.06
CA ASP A 196 -36.18 10.31 15.87
C ASP A 196 -35.41 11.56 16.30
N HIS A 197 -34.32 11.36 17.03
CA HIS A 197 -33.68 12.49 17.68
C HIS A 197 -32.24 12.74 17.26
N GLU A 198 -31.68 11.76 16.56
CA GLU A 198 -30.27 11.79 16.15
C GLU A 198 -30.09 11.32 14.70
N ALA A 199 -29.03 11.79 14.07
CA ALA A 199 -28.72 11.38 12.71
C ALA A 199 -27.21 11.32 12.47
N THR A 200 -26.79 10.48 11.54
CA THR A 200 -25.38 10.38 11.20
C THR A 200 -25.13 11.21 9.97
N LEU A 201 -24.12 12.07 10.05
CA LEU A 201 -23.65 12.84 8.89
C LEU A 201 -22.33 12.21 8.44
N ARG A 202 -22.27 11.77 7.18
CA ARG A 202 -21.07 11.15 6.64
C ARG A 202 -20.51 11.97 5.48
N CYS A 203 -19.29 12.44 5.65
CA CYS A 203 -18.66 13.26 4.66
C CYS A 203 -17.67 12.41 3.88
N TRP A 204 -17.90 12.31 2.57
CA TRP A 204 -17.14 11.41 1.71
C TRP A 204 -16.15 12.15 0.84
N ALA A 205 -14.93 11.62 0.73
CA ALA A 205 -13.98 12.10 -0.28
C ALA A 205 -13.68 10.94 -1.22
N LEU A 206 -13.99 11.11 -2.51
CA LEU A 206 -13.85 10.00 -3.46
C LEU A 206 -12.96 10.36 -4.66
N SER A 207 -12.41 9.33 -5.31
N SER A 207 -12.42 9.33 -5.33
CA SER A 207 -11.65 9.46 -6.56
CA SER A 207 -11.66 9.46 -6.57
C SER A 207 -10.50 10.46 -6.51
C SER A 207 -10.50 10.46 -6.51
N PHE A 208 -9.79 10.53 -5.40
CA PHE A 208 -8.71 11.50 -5.29
C PHE A 208 -7.34 10.86 -5.45
N TYR A 209 -6.37 11.67 -5.90
CA TYR A 209 -5.00 11.22 -6.05
C TYR A 209 -4.09 12.43 -5.92
N PRO A 210 -3.00 12.29 -5.18
CA PRO A 210 -2.50 11.11 -4.44
C PRO A 210 -3.25 10.87 -3.13
N ALA A 211 -2.83 9.85 -2.37
CA ALA A 211 -3.61 9.34 -1.22
C ALA A 211 -3.69 10.29 -0.02
N GLU A 212 -2.69 11.15 0.14
CA GLU A 212 -2.66 12.08 1.26
C GLU A 212 -3.86 13.02 1.26
N ILE A 213 -4.56 13.09 2.38
CA ILE A 213 -5.76 13.91 2.51
C ILE A 213 -6.06 14.18 3.99
N THR A 214 -6.69 15.31 4.28
CA THR A 214 -7.23 15.53 5.62
C THR A 214 -8.75 15.80 5.52
N LEU A 215 -9.53 15.03 6.29
CA LEU A 215 -10.99 15.18 6.43
C LEU A 215 -11.27 15.39 7.90
N THR A 216 -12.04 16.44 8.22
CA THR A 216 -12.32 16.74 9.63
C THR A 216 -13.70 17.39 9.74
N TRP A 217 -14.34 17.24 10.89
CA TRP A 217 -15.61 17.87 11.16
C TRP A 217 -15.37 19.05 12.09
N GLN A 218 -16.05 20.16 11.83
CA GLN A 218 -16.12 21.22 12.82
C GLN A 218 -17.57 21.42 13.26
N ARG A 219 -17.74 21.82 14.52
CA ARG A 219 -19.04 22.18 15.09
C ARG A 219 -18.96 23.64 15.49
N ASP A 220 -19.78 24.48 14.86
CA ASP A 220 -19.74 25.93 15.07
C ASP A 220 -18.31 26.45 14.95
N GLY A 221 -17.57 25.96 13.95
CA GLY A 221 -16.25 26.50 13.65
C GLY A 221 -15.10 26.00 14.51
N GLU A 222 -15.36 24.97 15.31
CA GLU A 222 -14.29 24.31 16.07
C GLU A 222 -14.23 22.83 15.75
N ASP A 223 -13.02 22.32 15.55
CA ASP A 223 -12.80 20.91 15.24
C ASP A 223 -13.52 20.03 16.23
N GLN A 224 -14.14 18.98 15.73
CA GLN A 224 -14.87 18.05 16.57
C GLN A 224 -14.35 16.64 16.38
N THR A 225 -13.84 16.05 17.45
CA THR A 225 -13.33 14.69 17.36
C THR A 225 -14.20 13.69 18.13
N GLN A 226 -14.93 14.18 19.12
CA GLN A 226 -15.88 13.34 19.83
C GLN A 226 -17.06 12.92 18.98
N ASP A 227 -17.47 11.66 19.12
CA ASP A 227 -18.65 11.15 18.45
C ASP A 227 -18.44 11.11 16.93
N THR A 228 -17.18 11.00 16.52
CA THR A 228 -16.85 10.86 15.08
C THR A 228 -16.23 9.49 14.78
N GLU A 229 -16.45 8.99 13.58
CA GLU A 229 -15.70 7.85 13.07
C GLU A 229 -14.95 8.25 11.79
N LEU A 230 -13.67 7.89 11.69
CA LEU A 230 -12.85 8.17 10.50
C LEU A 230 -12.23 6.88 9.94
N VAL A 231 -12.62 6.44 8.74
CA VAL A 231 -11.98 5.24 8.18
C VAL A 231 -10.61 5.55 7.57
N GLU A 232 -9.76 4.54 7.51
CA GLU A 232 -8.47 4.69 6.87
C GLU A 232 -8.67 4.89 5.38
N THR A 233 -7.78 5.67 4.78
CA THR A 233 -7.80 5.89 3.35
C THR A 233 -7.65 4.54 2.66
N ARG A 234 -8.43 4.34 1.60
CA ARG A 234 -8.51 3.03 0.98
C ARG A 234 -8.49 3.21 -0.54
N PRO A 235 -7.89 2.24 -1.25
CA PRO A 235 -7.87 2.26 -2.72
C PRO A 235 -9.24 1.93 -3.34
N ALA A 236 -9.65 2.69 -4.35
CA ALA A 236 -10.90 2.39 -5.10
C ALA A 236 -10.72 1.22 -6.05
N GLY A 237 -9.51 1.05 -6.54
CA GLY A 237 -9.21 -0.02 -7.49
C GLY A 237 -8.89 0.47 -8.89
N ASP A 238 -9.11 1.76 -9.14
CA ASP A 238 -8.91 2.33 -10.46
C ASP A 238 -7.76 3.32 -10.40
N GLY A 239 -6.96 3.21 -9.35
CA GLY A 239 -5.81 4.08 -9.20
C GLY A 239 -6.08 5.26 -8.29
N THR A 240 -7.33 5.46 -7.89
CA THR A 240 -7.65 6.55 -6.97
C THR A 240 -7.95 6.05 -5.54
N PHE A 241 -8.28 6.97 -4.66
CA PHE A 241 -8.46 6.65 -3.24
C PHE A 241 -9.77 7.22 -2.68
N GLN A 242 -10.22 6.64 -1.57
CA GLN A 242 -11.45 7.03 -0.92
C GLN A 242 -11.23 7.22 0.57
N LYS A 243 -12.03 8.11 1.18
CA LYS A 243 -12.07 8.25 2.63
C LYS A 243 -13.42 8.84 3.03
N TRP A 244 -13.83 8.58 4.27
CA TRP A 244 -14.98 9.25 4.84
C TRP A 244 -14.82 9.45 6.34
N VAL A 245 -15.51 10.47 6.84
CA VAL A 245 -15.56 10.76 8.26
C VAL A 245 -17.03 10.99 8.64
N ALA A 246 -17.44 10.50 9.80
CA ALA A 246 -18.85 10.58 10.16
C ALA A 246 -19.02 11.12 11.58
N VAL A 247 -20.12 11.84 11.79
CA VAL A 247 -20.42 12.39 13.10
C VAL A 247 -21.89 12.14 13.38
N VAL A 248 -22.22 11.87 14.64
CA VAL A 248 -23.63 11.76 15.04
C VAL A 248 -24.08 13.06 15.72
N VAL A 249 -25.22 13.59 15.28
CA VAL A 249 -25.67 14.91 15.72
C VAL A 249 -27.12 14.88 16.11
N PRO A 250 -27.56 15.77 17.00
CA PRO A 250 -28.99 15.86 17.25
C PRO A 250 -29.70 16.29 15.98
N SER A 251 -30.80 15.62 15.66
N SER A 251 -30.78 15.60 15.63
CA SER A 251 -31.59 15.97 14.48
CA SER A 251 -31.49 15.95 14.40
C SER A 251 -32.03 17.42 14.56
C SER A 251 -32.04 17.37 14.53
N GLY A 252 -31.97 18.12 13.44
CA GLY A 252 -32.37 19.51 13.41
C GLY A 252 -31.18 20.43 13.58
N GLN A 253 -30.05 19.88 14.03
CA GLN A 253 -28.88 20.70 14.35
C GLN A 253 -27.73 20.55 13.33
N GLU A 254 -28.04 19.92 12.20
CA GLU A 254 -27.01 19.61 11.19
C GLU A 254 -26.25 20.83 10.71
N GLN A 255 -26.92 21.98 10.71
CA GLN A 255 -26.36 23.22 10.20
C GLN A 255 -25.11 23.70 10.93
N ARG A 256 -24.97 23.34 12.21
CA ARG A 256 -23.78 23.70 13.00
C ARG A 256 -22.52 23.01 12.51
N TYR A 257 -22.69 21.89 11.80
CA TYR A 257 -21.60 20.99 11.48
C TYR A 257 -21.07 21.23 10.06
N THR A 258 -19.75 21.30 9.92
CA THR A 258 -19.15 21.47 8.60
C THR A 258 -18.05 20.42 8.40
N CYS A 259 -17.96 19.90 7.18
CA CYS A 259 -16.88 18.98 6.84
C CYS A 259 -15.81 19.75 6.10
N HIS A 260 -14.56 19.57 6.53
N HIS A 260 -14.56 19.61 6.57
CA HIS A 260 -13.45 20.29 5.92
CA HIS A 260 -13.43 20.28 5.94
C HIS A 260 -12.49 19.33 5.22
C HIS A 260 -12.61 19.25 5.16
N VAL A 261 -12.20 19.62 3.95
CA VAL A 261 -11.37 18.75 3.12
C VAL A 261 -10.10 19.47 2.64
N GLN A 262 -8.93 18.93 2.97
CA GLN A 262 -7.64 19.41 2.49
C GLN A 262 -6.99 18.38 1.58
N HIS A 263 -6.48 18.82 0.43
CA HIS A 263 -5.82 17.93 -0.52
C HIS A 263 -4.96 18.76 -1.46
N GLU A 264 -3.82 18.23 -1.86
CA GLU A 264 -2.91 18.93 -2.79
C GLU A 264 -3.62 19.33 -4.08
N GLY A 265 -4.67 18.60 -4.45
CA GLY A 265 -5.45 18.97 -5.63
C GLY A 265 -6.43 20.14 -5.45
N LEU A 266 -6.49 20.69 -4.25
CA LEU A 266 -7.37 21.83 -3.98
C LEU A 266 -6.56 23.08 -3.65
N PRO A 267 -6.69 24.14 -4.47
CA PRO A 267 -6.02 25.41 -4.22
C PRO A 267 -6.40 25.92 -2.83
N LYS A 268 -7.66 25.73 -2.49
CA LYS A 268 -8.20 26.13 -1.22
C LYS A 268 -8.91 24.90 -0.66
N PRO A 269 -8.76 24.66 0.65
CA PRO A 269 -9.57 23.65 1.32
C PRO A 269 -11.07 23.83 1.05
N LEU A 270 -11.79 22.71 1.02
CA LEU A 270 -13.22 22.71 0.80
C LEU A 270 -13.92 22.73 2.15
N THR A 271 -15.07 23.40 2.20
CA THR A 271 -15.92 23.38 3.38
C THR A 271 -17.33 22.98 2.95
N LEU A 272 -17.79 21.83 3.42
CA LEU A 272 -19.14 21.39 3.10
C LEU A 272 -20.06 21.77 4.24
N ARG A 273 -21.15 22.44 3.90
CA ARG A 273 -22.10 22.94 4.89
C ARG A 273 -23.47 22.35 4.59
N TRP A 274 -23.79 21.17 5.12
CA TRP A 274 -25.15 20.67 4.93
C TRP A 274 -25.62 19.43 5.68
N GLU A 275 -26.73 18.90 5.18
CA GLU A 275 -27.46 17.75 5.71
C GLU A 275 -28.26 18.10 6.95
N MET B 1 8.57 -13.26 17.12
CA MET B 1 7.54 -13.57 16.07
C MET B 1 6.29 -12.70 16.21
N ILE B 2 6.35 -11.49 15.68
CA ILE B 2 5.22 -10.56 15.76
C ILE B 2 4.06 -10.96 14.84
N GLN B 3 2.85 -10.98 15.38
CA GLN B 3 1.66 -11.29 14.59
C GLN B 3 0.64 -10.17 14.76
N ARG B 4 0.16 -9.62 13.65
CA ARG B 4 -0.80 -8.51 13.70
C ARG B 4 -2.04 -8.92 12.93
N THR B 5 -3.21 -8.68 13.51
CA THR B 5 -4.44 -9.10 12.86
C THR B 5 -4.82 -8.13 11.75
N PRO B 6 -5.39 -8.65 10.67
CA PRO B 6 -5.84 -7.78 9.57
C PRO B 6 -6.97 -6.82 9.95
N LYS B 7 -6.85 -5.58 9.46
CA LYS B 7 -7.97 -4.66 9.42
C LYS B 7 -8.68 -4.89 8.10
N ILE B 8 -10.01 -4.82 8.11
CA ILE B 8 -10.81 -5.16 6.94
C ILE B 8 -11.80 -4.03 6.62
N GLN B 9 -11.82 -3.61 5.36
CA GLN B 9 -12.88 -2.75 4.87
C GLN B 9 -13.50 -3.39 3.64
N VAL B 10 -14.83 -3.45 3.63
N VAL B 10 -14.82 -3.50 3.62
CA VAL B 10 -15.60 -3.92 2.48
CA VAL B 10 -15.54 -3.95 2.42
C VAL B 10 -16.38 -2.75 1.92
C VAL B 10 -16.39 -2.80 1.91
N TYR B 11 -16.30 -2.53 0.61
CA TYR B 11 -16.90 -1.33 0.01
C TYR B 11 -16.96 -1.44 -1.50
N SER B 12 -17.70 -0.53 -2.14
CA SER B 12 -17.82 -0.55 -3.60
C SER B 12 -16.92 0.52 -4.20
N ARG B 13 -16.46 0.32 -5.43
CA ARG B 13 -15.58 1.31 -6.05
C ARG B 13 -16.37 2.61 -6.31
N HIS B 14 -17.64 2.48 -6.66
CA HIS B 14 -18.42 3.66 -6.95
C HIS B 14 -19.65 3.71 -6.07
N PRO B 15 -20.20 4.92 -5.90
CA PRO B 15 -21.45 5.04 -5.17
C PRO B 15 -22.41 3.99 -5.72
N ALA B 16 -23.03 3.24 -4.82
CA ALA B 16 -23.79 2.08 -5.22
C ALA B 16 -25.27 2.39 -5.43
N GLU B 17 -25.82 1.81 -6.50
N GLU B 17 -25.81 1.82 -6.51
CA GLU B 17 -27.26 1.85 -6.72
CA GLU B 17 -27.25 1.81 -6.72
C GLU B 17 -27.78 0.50 -7.25
C GLU B 17 -27.69 0.40 -7.11
N ASN B 18 -28.90 0.05 -6.71
CA ASN B 18 -29.44 -1.24 -7.05
C ASN B 18 -29.64 -1.36 -8.56
N GLY B 19 -29.16 -2.45 -9.13
CA GLY B 19 -29.34 -2.70 -10.55
C GLY B 19 -28.25 -2.13 -11.44
N LYS B 20 -27.32 -1.39 -10.86
CA LYS B 20 -26.27 -0.71 -11.63
C LYS B 20 -24.90 -1.31 -11.34
N SER B 21 -24.14 -1.57 -12.40
N SER B 21 -24.13 -1.57 -12.40
CA SER B 21 -22.90 -2.33 -12.32
CA SER B 21 -22.90 -2.34 -12.31
C SER B 21 -21.83 -1.61 -11.52
C SER B 21 -21.79 -1.61 -11.56
N ASN B 22 -21.02 -2.36 -10.77
CA ASN B 22 -20.05 -1.77 -9.87
C ASN B 22 -18.88 -2.72 -9.63
N PHE B 23 -18.05 -2.37 -8.66
CA PHE B 23 -16.98 -3.25 -8.21
C PHE B 23 -17.00 -3.32 -6.69
N LEU B 24 -16.86 -4.53 -6.17
CA LEU B 24 -16.88 -4.81 -4.76
C LEU B 24 -15.43 -5.01 -4.32
N ASN B 25 -15.02 -4.26 -3.30
CA ASN B 25 -13.66 -4.34 -2.80
C ASN B 25 -13.60 -4.85 -1.38
N CYS B 26 -12.55 -5.60 -1.07
CA CYS B 26 -12.23 -5.94 0.30
C CYS B 26 -10.76 -5.59 0.49
N TYR B 27 -10.51 -4.50 1.24
CA TYR B 27 -9.18 -4.01 1.54
C TYR B 27 -8.75 -4.60 2.88
N VAL B 28 -7.67 -5.38 2.86
CA VAL B 28 -7.10 -5.94 4.08
C VAL B 28 -5.72 -5.33 4.32
N SER B 29 -5.51 -4.80 5.52
CA SER B 29 -4.28 -4.11 5.83
C SER B 29 -3.87 -4.36 7.27
N GLY B 30 -2.67 -3.92 7.62
CA GLY B 30 -2.25 -3.97 9.01
C GLY B 30 -1.81 -5.32 9.52
N PHE B 31 -1.73 -6.31 8.63
CA PHE B 31 -1.45 -7.69 9.05
C PHE B 31 0.00 -8.16 8.88
N HIS B 32 0.36 -9.17 9.66
CA HIS B 32 1.65 -9.83 9.57
C HIS B 32 1.48 -11.17 10.28
N PRO B 33 1.88 -12.29 9.66
CA PRO B 33 2.60 -12.42 8.41
C PRO B 33 1.72 -12.26 7.18
N SER B 34 2.31 -12.46 6.00
CA SER B 34 1.65 -12.07 4.77
C SER B 34 0.65 -13.07 4.28
N ASP B 35 0.82 -14.33 4.69
CA ASP B 35 -0.10 -15.36 4.23
C ASP B 35 -1.51 -15.06 4.73
N ILE B 36 -2.47 -15.04 3.82
CA ILE B 36 -3.84 -14.65 4.15
C ILE B 36 -4.80 -15.19 3.11
N GLU B 37 -6.01 -15.54 3.55
CA GLU B 37 -7.02 -16.06 2.63
C GLU B 37 -8.17 -15.06 2.59
N VAL B 38 -8.45 -14.51 1.43
CA VAL B 38 -9.55 -13.55 1.30
C VAL B 38 -10.52 -13.97 0.22
N ASP B 39 -11.80 -14.05 0.57
CA ASP B 39 -12.81 -14.36 -0.43
C ASP B 39 -13.92 -13.34 -0.43
N LEU B 40 -14.45 -13.05 -1.60
CA LEU B 40 -15.64 -12.22 -1.66
C LEU B 40 -16.86 -13.12 -1.78
N LEU B 41 -17.92 -12.79 -1.05
CA LEU B 41 -19.09 -13.66 -1.00
C LEU B 41 -20.34 -13.00 -1.56
N LYS B 42 -21.10 -13.76 -2.34
CA LYS B 42 -22.45 -13.37 -2.74
C LYS B 42 -23.45 -14.34 -2.12
N ASN B 43 -24.30 -13.84 -1.23
CA ASN B 43 -25.18 -14.69 -0.43
C ASN B 43 -24.42 -15.87 0.15
N GLY B 44 -23.27 -15.58 0.75
CA GLY B 44 -22.46 -16.61 1.41
C GLY B 44 -21.69 -17.55 0.49
N GLU B 45 -21.96 -17.48 -0.81
CA GLU B 45 -21.29 -18.33 -1.79
C GLU B 45 -20.04 -17.61 -2.32
N ARG B 46 -19.00 -18.38 -2.57
CA ARG B 46 -17.73 -17.81 -2.96
C ARG B 46 -17.75 -17.35 -4.42
N ILE B 47 -17.54 -16.06 -4.64
CA ILE B 47 -17.44 -15.51 -5.99
C ILE B 47 -16.14 -15.97 -6.63
N GLU B 48 -16.22 -16.44 -7.86
CA GLU B 48 -15.06 -17.07 -8.50
C GLU B 48 -14.11 -16.11 -9.23
N LYS B 49 -14.67 -15.09 -9.88
CA LYS B 49 -13.83 -14.20 -10.69
C LYS B 49 -13.17 -13.09 -9.87
N VAL B 50 -12.41 -13.47 -8.83
CA VAL B 50 -11.87 -12.49 -7.88
C VAL B 50 -10.37 -12.28 -8.04
N GLU B 51 -9.95 -11.03 -8.23
CA GLU B 51 -8.55 -10.69 -8.43
C GLU B 51 -8.02 -9.91 -7.24
N HIS B 52 -6.70 -9.76 -7.14
CA HIS B 52 -6.14 -9.00 -6.04
C HIS B 52 -4.88 -8.24 -6.47
N SER B 53 -4.54 -7.20 -5.71
CA SER B 53 -3.39 -6.37 -6.00
C SER B 53 -2.12 -7.10 -5.63
N ASP B 54 -0.97 -6.57 -6.03
CA ASP B 54 0.29 -7.19 -5.66
C ASP B 54 0.65 -6.85 -4.22
N LEU B 55 1.08 -7.85 -3.46
CA LEU B 55 1.42 -7.66 -2.06
C LEU B 55 2.44 -6.54 -1.84
N SER B 56 2.08 -5.55 -1.01
CA SER B 56 3.04 -4.54 -0.59
C SER B 56 2.84 -4.28 0.90
N PHE B 57 3.52 -3.28 1.43
CA PHE B 57 3.50 -3.05 2.87
C PHE B 57 3.72 -1.59 3.25
N SER B 58 3.25 -1.23 4.44
N SER B 58 3.25 -1.21 4.43
CA SER B 58 3.32 0.15 4.93
CA SER B 58 3.34 0.18 4.86
C SER B 58 4.61 0.38 5.69
C SER B 58 4.63 0.40 5.64
N LYS B 59 4.83 1.61 6.16
CA LYS B 59 6.09 1.94 6.85
C LYS B 59 6.36 1.13 8.11
N ASP B 60 5.29 0.64 8.75
CA ASP B 60 5.47 -0.15 9.96
C ASP B 60 5.66 -1.61 9.60
N TRP B 61 5.81 -1.87 8.29
CA TRP B 61 6.07 -3.22 7.77
C TRP B 61 4.83 -4.10 7.66
N SER B 62 3.67 -3.60 8.08
CA SER B 62 2.44 -4.38 7.99
C SER B 62 1.95 -4.46 6.53
N PHE B 63 1.34 -5.58 6.16
CA PHE B 63 0.98 -5.82 4.77
C PHE B 63 -0.39 -5.25 4.42
N TYR B 64 -0.60 -4.95 3.14
CA TYR B 64 -1.96 -4.63 2.66
C TYR B 64 -2.21 -5.22 1.28
N LEU B 65 -3.45 -5.66 1.08
CA LEU B 65 -3.92 -6.19 -0.20
C LEU B 65 -5.30 -5.64 -0.53
N LEU B 66 -5.60 -5.52 -1.82
CA LEU B 66 -6.95 -5.22 -2.28
C LEU B 66 -7.49 -6.40 -3.11
N TYR B 67 -8.59 -7.00 -2.65
CA TYR B 67 -9.36 -8.00 -3.41
C TYR B 67 -10.60 -7.36 -4.02
N TYR B 68 -10.91 -7.70 -5.26
CA TYR B 68 -12.02 -7.04 -5.95
C TYR B 68 -12.65 -7.91 -7.01
N THR B 69 -13.90 -7.62 -7.32
CA THR B 69 -14.58 -8.28 -8.43
C THR B 69 -15.70 -7.36 -8.89
N GLU B 70 -16.17 -7.59 -10.10
CA GLU B 70 -17.30 -6.84 -10.62
C GLU B 70 -18.54 -7.35 -9.94
N PHE B 71 -19.49 -6.48 -9.68
CA PHE B 71 -20.78 -6.94 -9.15
C PHE B 71 -21.88 -5.94 -9.40
N THR B 72 -23.10 -6.34 -9.09
CA THR B 72 -24.23 -5.45 -9.26
C THR B 72 -25.10 -5.52 -8.03
N PRO B 73 -25.11 -4.45 -7.24
CA PRO B 73 -25.92 -4.41 -6.04
C PRO B 73 -27.40 -4.65 -6.36
N THR B 74 -28.10 -5.30 -5.45
CA THR B 74 -29.55 -5.49 -5.60
C THR B 74 -30.21 -5.43 -4.25
N GLU B 75 -31.54 -5.34 -4.25
CA GLU B 75 -32.29 -5.15 -3.02
C GLU B 75 -32.06 -6.30 -2.04
N LYS B 76 -32.07 -7.52 -2.57
CA LYS B 76 -32.12 -8.71 -1.75
C LYS B 76 -30.78 -9.40 -1.54
N ASP B 77 -29.81 -9.14 -2.40
CA ASP B 77 -28.53 -9.86 -2.32
C ASP B 77 -27.63 -9.30 -1.23
N GLU B 78 -27.01 -10.20 -0.48
CA GLU B 78 -26.03 -9.80 0.53
C GLU B 78 -24.64 -10.12 0.01
N TYR B 79 -23.74 -9.15 0.12
CA TYR B 79 -22.35 -9.34 -0.28
C TYR B 79 -21.45 -9.15 0.94
N ALA B 80 -20.33 -9.86 0.97
CA ALA B 80 -19.46 -9.81 2.13
C ALA B 80 -18.05 -10.19 1.72
N CYS B 81 -17.15 -10.06 2.68
N CYS B 81 -17.09 -10.06 2.63
CA CYS B 81 -15.77 -10.49 2.51
CA CYS B 81 -15.74 -10.56 2.35
C CYS B 81 -15.47 -11.51 3.60
C CYS B 81 -15.13 -11.35 3.52
N ARG B 82 -14.80 -12.60 3.24
CA ARG B 82 -14.32 -13.54 4.26
C ARG B 82 -12.79 -13.58 4.35
N VAL B 83 -12.25 -13.33 5.54
CA VAL B 83 -10.80 -13.30 5.74
C VAL B 83 -10.36 -14.34 6.79
N ASN B 84 -9.33 -15.10 6.46
CA ASN B 84 -8.70 -15.94 7.46
C ASN B 84 -7.19 -15.66 7.47
N HIS B 85 -6.63 -15.66 8.67
CA HIS B 85 -5.23 -15.31 8.86
C HIS B 85 -4.83 -16.11 10.06
N VAL B 86 -3.53 -16.28 10.28
CA VAL B 86 -3.07 -17.09 11.39
C VAL B 86 -3.53 -16.51 12.73
N THR B 87 -3.78 -15.21 12.77
CA THR B 87 -4.15 -14.53 14.01
C THR B 87 -5.64 -14.71 14.35
N LEU B 88 -6.41 -15.27 13.43
CA LEU B 88 -7.84 -15.45 13.64
C LEU B 88 -8.16 -16.91 13.96
N SER B 89 -8.98 -17.14 14.98
CA SER B 89 -9.36 -18.50 15.35
C SER B 89 -10.31 -19.12 14.31
N GLN B 90 -11.12 -18.29 13.67
CA GLN B 90 -11.98 -18.72 12.56
C GLN B 90 -12.04 -17.57 11.57
N PRO B 91 -12.50 -17.84 10.34
CA PRO B 91 -12.64 -16.78 9.34
C PRO B 91 -13.51 -15.61 9.82
N LYS B 92 -13.03 -14.39 9.61
CA LYS B 92 -13.78 -13.20 9.94
C LYS B 92 -14.62 -12.84 8.71
N ILE B 93 -15.92 -12.64 8.91
CA ILE B 93 -16.77 -12.25 7.78
C ILE B 93 -17.39 -10.87 7.99
N VAL B 94 -17.11 -9.96 7.05
CA VAL B 94 -17.61 -8.60 7.15
C VAL B 94 -18.60 -8.31 6.03
N LYS B 95 -19.82 -7.92 6.42
CA LYS B 95 -20.87 -7.69 5.45
C LYS B 95 -20.69 -6.37 4.73
N TRP B 96 -21.00 -6.34 3.44
CA TRP B 96 -21.04 -5.08 2.72
C TRP B 96 -22.27 -4.24 3.07
N ASP B 97 -22.00 -3.06 3.60
CA ASP B 97 -23.00 -2.06 3.89
C ASP B 97 -22.77 -0.93 2.89
N ARG B 98 -23.76 -0.70 2.05
CA ARG B 98 -23.69 0.27 0.96
C ARG B 98 -23.40 1.71 1.42
N ASP B 99 -23.65 1.98 2.69
CA ASP B 99 -23.45 3.34 3.20
C ASP B 99 -22.05 3.56 3.81
N MET B 100 -21.20 2.55 3.75
CA MET B 100 -19.86 2.67 4.38
C MET B 100 -18.69 2.32 3.49
N VAL C 1 14.00 2.15 -12.03
CA VAL C 1 15.01 1.07 -12.24
C VAL C 1 15.62 0.62 -10.90
N LEU C 2 15.79 -0.70 -10.75
CA LEU C 2 16.36 -1.36 -9.58
C LEU C 2 17.83 -1.06 -9.41
N HIS C 3 18.30 -1.10 -8.16
CA HIS C 3 19.73 -1.08 -7.90
C HIS C 3 20.37 -2.33 -8.51
N ASP C 4 21.61 -2.21 -8.96
N ASP C 4 21.62 -2.23 -8.96
CA ASP C 4 22.23 -3.27 -9.75
CA ASP C 4 22.24 -3.28 -9.79
C ASP C 4 22.67 -4.49 -8.95
C ASP C 4 23.06 -4.36 -9.05
N ASP C 5 23.13 -4.27 -7.72
CA ASP C 5 23.72 -5.36 -6.93
C ASP C 5 23.61 -5.12 -5.44
N LEU C 6 22.75 -5.88 -4.77
CA LEU C 6 22.62 -5.86 -3.31
C LEU C 6 23.57 -6.83 -2.60
N LEU C 7 24.21 -6.37 -1.53
CA LEU C 7 25.04 -7.27 -0.74
C LEU C 7 24.22 -8.08 0.27
N GLU C 8 24.60 -9.33 0.47
CA GLU C 8 23.95 -10.21 1.43
C GLU C 8 24.10 -9.66 2.85
N ALA C 9 23.11 -9.89 3.72
CA ALA C 9 23.18 -9.46 5.11
C ALA C 9 24.14 -10.29 5.99
#